data_6TP1
#
_entry.id   6TP1
#
_cell.length_a   82.080
_cell.length_b   82.080
_cell.length_c   186.340
_cell.angle_alpha   90.000
_cell.angle_beta   90.000
_cell.angle_gamma   90.000
#
_symmetry.space_group_name_H-M   'P 43 21 2'
#
loop_
_entity.id
_entity.type
_entity.pdbx_description
1 polymer Amylase
2 branched alpha-D-glucopyranose-(1-4)-alpha-D-glucopyranose-(1-4)-alpha-D-glucopyranose-(1-4)-alpha-D-glucopyranose
3 non-polymer 'CALCIUM ION'
4 non-polymer 'SODIUM ION'
5 non-polymer 'MALONATE ION'
6 non-polymer 'ACETIC ACID'
7 water water
#
_entity_poly.entity_id   1
_entity_poly.type   'polypeptide(L)'
_entity_poly.pdbx_seq_one_letter_code
;ASLNGTLMQYFEWYMPNDGQHWKRLQNDSAYLAEHGITAVWIPPAYKGTSQDDVGYGAYDLYDLGEFHQKGTVRTKYGTK
GELQSAINSLHSRDINVYGDVVINHKGGADATEYVTAVEVDPADRNRVTSGEQRIKAWTHFQFPGRGSTYSDFKWYWYHF
DGTDWDESRKLNRIYKFQGKAWDWEVSNENGNYDYLMYADIDYDHPDVTAEIKRWGTWYANELQLDGFRLDAVKHIKFSF
LRDWVNHVREKTGKEMFTVAEYWQNDLGALENYLNKTNFNHSVFDVPLHYQFHAASTQGGGYDMRKLLNGTVVSKHPVKA
VTFVDNHDTQPGQSLESTVQTWFKPLAYAFILTREAGYPQIFYGDMYGTKGASQREIPALKHKIEPILKARKQYAYGAQH
DYFDHHNIVGWTREGDSSVANSGLAALITDGPGGTKRMYVGRQNAGETWHDITGNRSDSVVINAEGWGEFHVNGGSVSIY
VQR
;
_entity_poly.pdbx_strand_id   A
#
# COMPACT_ATOMS: atom_id res chain seq x y z
N LEU A 3 -11.01 -11.80 14.27
CA LEU A 3 -9.71 -11.68 13.48
C LEU A 3 -9.27 -10.23 13.35
N ASN A 4 -8.26 -9.82 14.11
CA ASN A 4 -7.64 -8.52 13.85
C ASN A 4 -6.43 -8.74 12.94
N GLY A 5 -6.70 -8.89 11.66
CA GLY A 5 -5.62 -8.98 10.70
C GLY A 5 -4.88 -7.65 10.66
N THR A 6 -3.55 -7.73 10.58
CA THR A 6 -2.70 -6.56 10.44
C THR A 6 -1.68 -6.75 9.30
N LEU A 7 -1.74 -5.85 8.32
CA LEU A 7 -0.83 -5.85 7.20
C LEU A 7 0.42 -5.05 7.59
N MET A 8 1.56 -5.44 7.04
CA MET A 8 2.73 -4.57 7.04
C MET A 8 3.29 -4.40 5.64
N GLN A 9 3.50 -3.16 5.23
CA GLN A 9 4.24 -2.87 4.02
C GLN A 9 5.69 -3.02 4.38
N TYR A 10 6.32 -4.11 3.93
CA TYR A 10 7.70 -4.44 4.36
C TYR A 10 8.77 -3.89 3.42
N PHE A 11 8.75 -2.57 3.26
CA PHE A 11 9.84 -1.86 2.64
C PHE A 11 9.60 -0.35 2.73
N GLU A 12 10.65 0.42 2.48
CA GLU A 12 10.54 1.83 2.21
C GLU A 12 11.46 2.17 1.03
N TRP A 13 11.29 3.38 0.50
CA TRP A 13 11.94 3.76 -0.76
C TRP A 13 13.46 3.70 -0.70
N TYR A 14 14.04 4.18 0.39
CA TYR A 14 15.45 4.45 0.46
C TYR A 14 16.29 3.38 1.17
N MET A 15 15.82 2.15 1.20
CA MET A 15 16.58 1.10 1.89
C MET A 15 17.88 0.89 1.14
N PRO A 16 18.95 0.47 1.83
CA PRO A 16 20.20 0.30 1.13
C PRO A 16 20.14 -0.82 0.06
N ASN A 17 20.85 -0.60 -1.03
CA ASN A 17 20.96 -1.58 -2.08
C ASN A 17 22.08 -2.55 -1.74
N ASP A 18 21.90 -3.34 -0.70
CA ASP A 18 22.90 -4.33 -0.30
C ASP A 18 22.48 -5.80 -0.52
N GLY A 19 21.31 -6.02 -1.11
CA GLY A 19 20.84 -7.38 -1.36
C GLY A 19 20.42 -8.21 -0.16
N GLN A 20 20.32 -7.60 1.02
CA GLN A 20 20.04 -8.34 2.25
C GLN A 20 18.58 -8.25 2.70
N HIS A 21 17.72 -7.55 1.95
CA HIS A 21 16.35 -7.31 2.41
C HIS A 21 15.51 -8.58 2.63
N TRP A 22 15.57 -9.54 1.70
CA TRP A 22 14.85 -10.80 1.92
C TRP A 22 15.32 -11.52 3.20
N LYS A 23 16.62 -11.54 3.44
CA LYS A 23 17.14 -12.11 4.67
C LYS A 23 16.67 -11.36 5.90
N ARG A 24 16.65 -10.03 5.83
CA ARG A 24 16.09 -9.22 6.92
C ARG A 24 14.63 -9.60 7.24
N LEU A 25 13.83 -9.75 6.18
CA LEU A 25 12.45 -10.20 6.32
C LEU A 25 12.37 -11.55 7.00
N GLN A 26 13.12 -12.52 6.48
CA GLN A 26 13.18 -13.83 7.10
C GLN A 26 13.47 -13.70 8.59
N ASN A 27 14.45 -12.87 8.92
CA ASN A 27 14.88 -12.74 10.33
C ASN A 27 13.95 -11.92 11.19
N ASP A 28 12.99 -11.23 10.60
CA ASP A 28 12.06 -10.41 11.33
C ASP A 28 10.71 -11.10 11.52
N SER A 29 10.55 -12.28 10.93
CA SER A 29 9.26 -12.97 10.94
C SER A 29 8.76 -13.29 12.36
N ALA A 30 9.66 -13.71 13.26
CA ALA A 30 9.30 -13.95 14.65
C ALA A 30 8.76 -12.67 15.30
N TYR A 31 9.49 -11.56 15.13
CA TYR A 31 9.07 -10.25 15.66
C TYR A 31 7.70 -9.83 15.09
N LEU A 32 7.51 -10.02 13.79
CA LEU A 32 6.24 -9.63 13.15
C LEU A 32 5.08 -10.42 13.73
N ALA A 33 5.28 -11.73 13.83
CA ALA A 33 4.23 -12.60 14.35
C ALA A 33 3.91 -12.25 15.80
N GLU A 34 4.91 -11.98 16.61
CA GLU A 34 4.67 -11.64 18.02
C GLU A 34 3.82 -10.37 18.16
N HIS A 35 3.97 -9.41 17.26
CA HIS A 35 3.20 -8.17 17.33
C HIS A 35 1.87 -8.17 16.52
N GLY A 36 1.44 -9.36 16.09
CA GLY A 36 0.13 -9.50 15.43
C GLY A 36 0.02 -9.21 13.95
N ILE A 37 1.16 -9.08 13.28
CA ILE A 37 1.18 -8.96 11.84
C ILE A 37 0.76 -10.30 11.25
N THR A 38 -0.26 -10.28 10.42
CA THR A 38 -0.80 -11.48 9.78
C THR A 38 -0.59 -11.50 8.26
N ALA A 39 -0.11 -10.39 7.71
CA ALA A 39 0.27 -10.34 6.32
C ALA A 39 1.31 -9.28 6.04
N VAL A 40 2.16 -9.53 5.03
CA VAL A 40 3.13 -8.57 4.57
C VAL A 40 2.99 -8.35 3.07
N TRP A 41 3.02 -7.09 2.71
CA TRP A 41 3.15 -6.67 1.32
C TRP A 41 4.64 -6.45 1.09
N ILE A 42 5.20 -7.27 0.19
CA ILE A 42 6.61 -7.21 -0.16
C ILE A 42 6.81 -6.35 -1.42
N PRO A 43 7.98 -5.70 -1.53
CA PRO A 43 8.19 -4.87 -2.71
C PRO A 43 8.25 -5.72 -3.97
N PRO A 44 8.10 -5.08 -5.15
CA PRO A 44 8.14 -5.90 -6.36
C PRO A 44 9.39 -6.78 -6.39
N ALA A 45 9.22 -8.04 -6.71
CA ALA A 45 10.25 -9.07 -6.53
C ALA A 45 11.07 -9.36 -7.78
N TYR A 46 10.68 -8.75 -8.89
CA TYR A 46 11.23 -9.02 -10.26
C TYR A 46 12.18 -7.91 -10.68
N LYS A 47 13.07 -8.27 -11.61
CA LYS A 47 14.14 -7.38 -12.11
C LYS A 47 13.60 -6.06 -12.67
N GLY A 48 14.16 -4.96 -12.15
CA GLY A 48 13.88 -3.60 -12.61
C GLY A 48 14.91 -3.15 -13.63
N THR A 49 15.06 -1.85 -13.78
CA THR A 49 15.90 -1.33 -14.86
C THR A 49 17.38 -1.33 -14.46
N SER A 50 17.64 -1.57 -13.18
CA SER A 50 18.96 -1.73 -12.63
C SER A 50 18.85 -2.43 -11.30
N GLN A 51 19.97 -2.75 -10.71
CA GLN A 51 20.00 -3.40 -9.40
C GLN A 51 19.33 -2.56 -8.29
N ASP A 52 19.52 -1.25 -8.32
CA ASP A 52 18.97 -0.38 -7.27
C ASP A 52 17.52 0.10 -7.51
N ASP A 53 16.87 -0.43 -8.55
CA ASP A 53 15.45 -0.17 -8.77
C ASP A 53 14.64 -0.60 -7.52
N VAL A 54 13.77 0.28 -7.04
CA VAL A 54 12.90 -0.03 -5.93
C VAL A 54 11.91 -1.14 -6.33
N GLY A 55 11.67 -1.28 -7.62
CA GLY A 55 10.89 -2.40 -8.15
C GLY A 55 9.84 -2.02 -9.15
N TYR A 56 9.57 -0.71 -9.29
CA TYR A 56 8.50 -0.21 -10.16
C TYR A 56 8.96 0.00 -11.61
N GLY A 57 10.26 -0.17 -11.88
CA GLY A 57 10.76 -0.24 -13.25
C GLY A 57 10.18 -1.36 -14.12
N ALA A 58 10.01 -2.54 -13.51
CA ALA A 58 9.39 -3.70 -14.12
C ALA A 58 9.97 -4.06 -15.50
N TYR A 59 11.24 -4.44 -15.50
CA TYR A 59 11.90 -4.92 -16.71
C TYR A 59 11.46 -6.35 -17.09
N ASP A 60 11.58 -7.30 -16.15
CA ASP A 60 11.34 -8.69 -16.45
C ASP A 60 10.61 -9.36 -15.31
N LEU A 61 9.31 -9.56 -15.55
CA LEU A 61 8.42 -10.11 -14.54
C LEU A 61 8.72 -11.57 -14.17
N TYR A 62 9.50 -12.28 -15.02
CA TYR A 62 9.88 -13.65 -14.76
C TYR A 62 11.30 -13.82 -14.17
N ASP A 63 11.97 -12.71 -13.83
CA ASP A 63 13.31 -12.73 -13.24
C ASP A 63 13.17 -12.23 -11.81
N LEU A 64 13.03 -13.18 -10.89
CA LEU A 64 12.78 -12.86 -9.48
C LEU A 64 14.10 -12.75 -8.74
N GLY A 65 15.11 -12.18 -9.38
CA GLY A 65 16.46 -12.24 -8.88
C GLY A 65 17.12 -13.56 -9.12
N GLU A 66 16.92 -14.09 -10.33
CA GLU A 66 17.42 -15.39 -10.75
C GLU A 66 18.35 -15.34 -11.96
N PHE A 67 18.23 -14.32 -12.82
CA PHE A 67 19.03 -14.27 -14.05
C PHE A 67 19.92 -13.04 -14.03
N HIS A 68 21.07 -13.12 -14.72
CA HIS A 68 21.97 -11.98 -14.79
C HIS A 68 21.47 -11.07 -15.90
N GLN A 69 20.72 -10.06 -15.50
CA GLN A 69 20.13 -9.08 -16.42
C GLN A 69 20.20 -7.73 -15.72
N LYS A 70 20.49 -6.67 -16.47
CA LYS A 70 20.63 -5.30 -15.92
C LYS A 70 21.71 -5.15 -14.90
N GLY A 71 22.80 -5.88 -15.12
CA GLY A 71 24.00 -5.72 -14.35
C GLY A 71 24.00 -6.46 -13.03
N THR A 72 23.05 -7.39 -12.84
CA THR A 72 22.91 -8.07 -11.55
C THR A 72 22.06 -9.34 -11.71
N VAL A 73 22.28 -10.29 -10.81
CA VAL A 73 21.40 -11.45 -10.70
C VAL A 73 20.30 -11.06 -9.72
N ARG A 74 20.71 -10.76 -8.50
CA ARG A 74 19.77 -10.35 -7.48
C ARG A 74 19.02 -9.09 -7.91
N THR A 75 17.79 -8.94 -7.43
CA THR A 75 17.11 -7.65 -7.39
C THR A 75 17.77 -6.82 -6.28
N LYS A 76 17.28 -5.60 -6.05
CA LYS A 76 17.75 -4.77 -4.94
C LYS A 76 17.66 -5.55 -3.61
N TYR A 77 16.65 -6.40 -3.52
CA TYR A 77 16.25 -7.07 -2.28
C TYR A 77 16.94 -8.38 -1.99
N GLY A 78 17.43 -9.05 -3.01
CA GLY A 78 18.14 -10.30 -2.89
C GLY A 78 17.75 -11.21 -4.05
N THR A 79 18.05 -12.50 -3.88
CA THR A 79 17.82 -13.53 -4.90
C THR A 79 16.45 -14.18 -4.74
N LYS A 80 16.03 -14.89 -5.78
CA LYS A 80 14.79 -15.67 -5.67
C LYS A 80 14.77 -16.61 -4.45
N GLY A 81 15.84 -17.38 -4.25
CA GLY A 81 15.93 -18.32 -3.13
C GLY A 81 15.82 -17.70 -1.73
N GLU A 82 16.44 -16.54 -1.58
CA GLU A 82 16.34 -15.77 -0.35
C GLU A 82 14.92 -15.30 -0.07
N LEU A 83 14.24 -14.83 -1.12
CA LEU A 83 12.84 -14.47 -1.01
C LEU A 83 12.01 -15.69 -0.65
N GLN A 84 12.19 -16.79 -1.35
CA GLN A 84 11.47 -18.01 -1.02
C GLN A 84 11.73 -18.52 0.40
N SER A 85 12.93 -18.32 0.93
CA SER A 85 13.22 -18.69 2.33
C SER A 85 12.50 -17.77 3.30
N ALA A 86 12.43 -16.47 2.96
CA ALA A 86 11.69 -15.53 3.77
C ALA A 86 10.20 -15.87 3.79
N ILE A 87 9.65 -16.24 2.62
CA ILE A 87 8.25 -16.58 2.52
C ILE A 87 7.91 -17.83 3.34
N ASN A 88 8.76 -18.84 3.30
CA ASN A 88 8.44 -20.04 4.06
C ASN A 88 8.55 -19.80 5.59
N SER A 89 9.41 -18.86 5.99
CA SER A 89 9.50 -18.44 7.39
C SER A 89 8.26 -17.66 7.81
N LEU A 90 7.78 -16.77 6.95
CA LEU A 90 6.57 -16.01 7.21
C LEU A 90 5.38 -16.97 7.31
N HIS A 91 5.24 -17.85 6.31
CA HIS A 91 4.22 -18.86 6.35
C HIS A 91 4.25 -19.77 7.60
N SER A 92 5.44 -20.16 8.06
CA SER A 92 5.57 -20.94 9.32
C SER A 92 4.99 -20.24 10.56
N ARG A 93 4.81 -18.93 10.52
CA ARG A 93 4.12 -18.21 11.58
C ARG A 93 2.76 -17.66 11.14
N ASP A 94 2.13 -18.27 10.15
CA ASP A 94 0.82 -17.84 9.67
C ASP A 94 0.79 -16.40 9.23
N ILE A 95 1.87 -15.94 8.60
CA ILE A 95 1.88 -14.60 8.03
C ILE A 95 1.69 -14.80 6.53
N ASN A 96 0.59 -14.25 6.00
CA ASN A 96 0.34 -14.22 4.55
C ASN A 96 1.28 -13.27 3.83
N VAL A 97 1.54 -13.55 2.55
CA VAL A 97 2.42 -12.76 1.75
C VAL A 97 1.69 -12.25 0.51
N TYR A 98 1.62 -10.92 0.38
CA TYR A 98 1.02 -10.28 -0.79
C TYR A 98 2.12 -9.73 -1.68
N GLY A 99 2.17 -10.24 -2.92
CA GLY A 99 3.10 -9.80 -3.94
C GLY A 99 2.69 -8.52 -4.65
N ASP A 100 3.63 -7.61 -4.88
CA ASP A 100 3.36 -6.34 -5.56
C ASP A 100 3.30 -6.65 -7.05
N VAL A 101 2.33 -6.07 -7.74
CA VAL A 101 2.06 -6.43 -9.16
C VAL A 101 2.17 -5.13 -9.92
N VAL A 102 3.26 -5.01 -10.69
CA VAL A 102 3.55 -3.80 -11.47
C VAL A 102 3.36 -4.17 -12.95
N ILE A 103 2.17 -3.86 -13.44
CA ILE A 103 1.78 -4.27 -14.80
C ILE A 103 1.21 -3.13 -15.63
N ASN A 104 1.43 -1.89 -15.21
CA ASN A 104 1.05 -0.75 -16.00
C ASN A 104 1.95 -0.60 -17.23
N HIS A 105 3.24 -0.92 -17.03
CA HIS A 105 4.26 -0.58 -17.98
C HIS A 105 5.45 -1.53 -17.90
N LYS A 106 6.38 -1.42 -18.85
CA LYS A 106 7.69 -2.05 -18.73
C LYS A 106 8.79 -1.02 -18.99
N GLY A 107 9.82 -1.07 -18.15
CA GLY A 107 10.95 -0.16 -18.24
C GLY A 107 12.20 -0.89 -18.63
N GLY A 108 13.15 -0.18 -19.20
CA GLY A 108 14.49 -0.71 -19.41
C GLY A 108 14.59 -1.72 -20.56
N ALA A 109 13.84 -1.52 -21.61
CA ALA A 109 13.88 -2.42 -22.77
C ALA A 109 15.30 -2.68 -23.24
N ASP A 110 15.51 -3.84 -23.82
CA ASP A 110 16.82 -4.26 -24.28
C ASP A 110 17.25 -3.49 -25.50
N ALA A 111 16.31 -3.05 -26.32
CA ALA A 111 16.66 -2.41 -27.56
C ALA A 111 15.56 -1.49 -28.02
N THR A 112 15.93 -0.53 -28.86
CA THR A 112 15.01 0.43 -29.47
C THR A 112 14.40 -0.16 -30.72
N GLU A 113 13.21 0.31 -31.06
CA GLU A 113 12.63 0.07 -32.37
C GLU A 113 12.23 1.42 -32.93
N TYR A 114 12.30 1.54 -34.26
CA TYR A 114 11.72 2.67 -34.97
C TYR A 114 10.23 2.47 -35.00
N VAL A 115 9.50 3.47 -34.54
CA VAL A 115 8.06 3.40 -34.37
C VAL A 115 7.50 4.72 -34.90
N THR A 116 6.37 4.67 -35.60
CA THR A 116 5.65 5.88 -35.95
C THR A 116 4.74 6.29 -34.78
N ALA A 117 4.75 7.58 -34.44
CA ALA A 117 4.05 8.09 -33.27
C ALA A 117 3.66 9.52 -33.44
N VAL A 118 2.74 9.98 -32.59
CA VAL A 118 2.36 11.38 -32.47
C VAL A 118 2.57 11.83 -31.03
N GLU A 119 2.82 13.10 -30.82
CA GLU A 119 2.84 13.67 -29.46
C GLU A 119 1.42 13.92 -29.00
N VAL A 120 1.22 13.77 -27.69
CA VAL A 120 -0.01 14.20 -27.08
C VAL A 120 0.30 15.20 -25.97
N ASP A 121 -0.71 15.96 -25.62
CA ASP A 121 -0.61 16.97 -24.59
C ASP A 121 -0.55 16.31 -23.23
N PRO A 122 0.50 16.60 -22.42
CA PRO A 122 0.60 15.94 -21.13
C PRO A 122 -0.50 16.30 -20.15
N ALA A 123 -1.13 17.46 -20.30
CA ALA A 123 -2.30 17.85 -19.51
C ALA A 123 -3.61 17.33 -20.11
N ASP A 124 -3.58 16.82 -21.33
CA ASP A 124 -4.80 16.34 -21.98
C ASP A 124 -4.44 15.36 -23.07
N ARG A 125 -4.29 14.12 -22.64
CA ARG A 125 -3.70 13.11 -23.51
C ARG A 125 -4.62 12.64 -24.65
N ASN A 126 -5.86 13.12 -24.66
CA ASN A 126 -6.74 12.94 -25.81
C ASN A 126 -6.42 13.92 -26.92
N ARG A 127 -5.65 14.99 -26.66
CA ARG A 127 -5.30 15.98 -27.68
C ARG A 127 -3.97 15.55 -28.32
N VAL A 128 -4.01 15.30 -29.61
CA VAL A 128 -2.81 15.07 -30.37
C VAL A 128 -2.19 16.44 -30.73
N THR A 129 -0.86 16.56 -30.54
CA THR A 129 -0.13 17.82 -30.72
C THR A 129 1.01 17.75 -31.75
N SER A 130 1.09 16.66 -32.51
CA SER A 130 1.96 16.62 -33.70
C SER A 130 1.33 15.75 -34.77
N GLY A 131 1.82 15.95 -35.97
CA GLY A 131 1.70 14.94 -37.00
C GLY A 131 2.54 13.70 -36.69
N GLU A 132 2.44 12.73 -37.58
CA GLU A 132 3.18 11.50 -37.43
C GLU A 132 4.66 11.74 -37.55
N GLN A 133 5.43 11.10 -36.71
CA GLN A 133 6.88 11.20 -36.78
C GLN A 133 7.47 9.87 -36.40
N ARG A 134 8.67 9.65 -36.89
CA ARG A 134 9.42 8.44 -36.64
C ARG A 134 10.29 8.68 -35.41
N ILE A 135 10.11 7.87 -34.37
CA ILE A 135 10.92 7.94 -33.14
C ILE A 135 11.66 6.60 -32.90
N LYS A 136 12.68 6.61 -32.06
CA LYS A 136 13.29 5.38 -31.55
C LYS A 136 12.82 5.17 -30.11
N ALA A 137 12.01 4.14 -29.89
CA ALA A 137 11.43 3.93 -28.56
C ALA A 137 11.99 2.65 -27.96
N TRP A 138 12.15 2.69 -26.64
CA TRP A 138 12.61 1.53 -25.86
C TRP A 138 11.45 0.56 -25.66
N THR A 139 11.22 -0.27 -26.66
CA THR A 139 10.08 -1.19 -26.66
C THR A 139 10.39 -2.65 -26.89
N HIS A 140 11.64 -2.99 -27.20
CA HIS A 140 11.96 -4.37 -27.52
C HIS A 140 12.57 -5.08 -26.30
N PHE A 141 11.86 -6.08 -25.79
CA PHE A 141 12.30 -6.88 -24.62
C PHE A 141 12.58 -8.29 -25.10
N GLN A 142 13.86 -8.67 -25.09
CA GLN A 142 14.30 -10.02 -25.45
C GLN A 142 14.70 -10.87 -24.24
N PHE A 143 15.07 -10.23 -23.13
CA PHE A 143 15.48 -10.94 -21.92
C PHE A 143 16.70 -11.85 -22.15
N PRO A 144 17.84 -11.25 -22.54
CA PRO A 144 19.02 -12.04 -22.91
C PRO A 144 19.61 -12.90 -21.80
N GLY A 145 19.45 -12.50 -20.54
CA GLY A 145 19.97 -13.31 -19.45
C GLY A 145 19.11 -14.49 -19.12
N ARG A 146 17.82 -14.37 -19.38
CA ARG A 146 16.84 -15.42 -19.08
C ARG A 146 16.61 -16.36 -20.26
N GLY A 147 16.68 -15.84 -21.49
CA GLY A 147 16.25 -16.60 -22.64
C GLY A 147 14.76 -16.91 -22.54
N SER A 148 14.40 -18.15 -22.79
CA SER A 148 13.01 -18.53 -22.79
C SER A 148 12.62 -19.29 -21.55
N THR A 149 13.50 -19.33 -20.56
CA THR A 149 13.21 -20.03 -19.29
C THR A 149 11.99 -19.41 -18.64
N TYR A 150 10.99 -20.22 -18.30
CA TYR A 150 9.70 -19.83 -17.75
C TYR A 150 8.73 -19.23 -18.75
N SER A 151 9.22 -18.52 -19.77
CA SER A 151 8.31 -17.88 -20.73
C SER A 151 9.06 -17.45 -21.96
N ASP A 152 8.59 -17.87 -23.13
CA ASP A 152 9.20 -17.40 -24.38
C ASP A 152 8.51 -16.14 -24.95
N PHE A 153 7.62 -15.50 -24.19
CA PHE A 153 6.97 -14.28 -24.67
C PHE A 153 8.01 -13.12 -24.77
N LYS A 154 8.09 -12.53 -25.95
CA LYS A 154 8.93 -11.36 -26.20
C LYS A 154 8.06 -10.15 -26.46
N TRP A 155 8.52 -8.96 -26.07
CA TRP A 155 7.74 -7.73 -26.21
C TRP A 155 8.29 -6.86 -27.30
N TYR A 156 7.36 -6.24 -28.03
CA TYR A 156 7.67 -5.30 -29.10
C TYR A 156 6.79 -4.06 -28.97
N TRP A 157 7.07 -3.04 -29.78
CA TRP A 157 6.33 -1.79 -29.73
C TRP A 157 4.82 -1.96 -29.78
N TYR A 158 4.35 -2.93 -30.57
CA TYR A 158 2.91 -3.15 -30.75
C TYR A 158 2.21 -3.78 -29.56
N HIS A 159 2.94 -4.14 -28.51
CA HIS A 159 2.34 -4.47 -27.23
C HIS A 159 2.17 -3.24 -26.33
N PHE A 160 2.54 -2.06 -26.81
CA PHE A 160 2.47 -0.87 -25.97
C PHE A 160 1.67 0.21 -26.69
N ASP A 161 1.07 1.10 -25.91
CA ASP A 161 0.37 2.28 -26.47
C ASP A 161 1.27 3.49 -26.71
N GLY A 162 2.37 3.57 -25.98
CA GLY A 162 3.22 4.74 -26.06
C GLY A 162 4.36 4.73 -25.07
N THR A 163 5.11 5.83 -25.09
CA THR A 163 6.34 5.96 -24.31
C THR A 163 6.59 7.46 -24.07
N ASP A 164 7.56 7.75 -23.21
CA ASP A 164 7.90 9.13 -22.83
C ASP A 164 9.29 9.57 -23.32
N TRP A 165 9.88 8.81 -24.22
CA TRP A 165 11.22 9.12 -24.65
C TRP A 165 11.49 8.72 -26.11
N ASP A 166 12.01 9.67 -26.89
CA ASP A 166 12.49 9.41 -28.24
C ASP A 166 14.00 9.43 -28.17
N GLU A 167 14.59 8.24 -28.30
CA GLU A 167 16.02 8.05 -28.23
C GLU A 167 16.78 8.72 -29.38
N SER A 168 16.17 8.92 -30.54
CA SER A 168 16.87 9.58 -31.64
C SER A 168 17.03 11.09 -31.47
N ARG A 169 16.02 11.77 -30.91
CA ARG A 169 16.07 13.22 -30.67
C ARG A 169 16.44 13.56 -29.25
N LYS A 170 16.43 12.54 -28.38
CA LYS A 170 16.77 12.66 -26.97
C LYS A 170 15.80 13.57 -26.25
N LEU A 171 14.53 13.25 -26.46
CA LEU A 171 13.43 14.13 -26.16
C LEU A 171 12.41 13.44 -25.29
N ASN A 172 12.05 14.11 -24.19
CA ASN A 172 11.07 13.59 -23.27
C ASN A 172 9.73 14.19 -23.61
N ARG A 173 8.92 13.46 -24.39
CA ARG A 173 7.53 13.87 -24.66
C ARG A 173 6.66 12.66 -24.46
N ILE A 174 5.34 12.84 -24.38
CA ILE A 174 4.44 11.68 -24.42
C ILE A 174 4.08 11.36 -25.86
N TYR A 175 4.50 10.18 -26.30
CA TYR A 175 4.30 9.65 -27.65
C TYR A 175 3.27 8.51 -27.65
N LYS A 176 2.26 8.65 -28.49
CA LYS A 176 1.29 7.62 -28.71
C LYS A 176 1.60 6.97 -30.05
N PHE A 177 1.74 5.65 -30.06
CA PHE A 177 2.14 4.93 -31.26
C PHE A 177 1.03 4.84 -32.28
N GLN A 178 1.44 4.79 -33.55
CA GLN A 178 0.51 4.71 -34.68
C GLN A 178 -0.43 3.53 -34.52
N GLY A 179 -1.72 3.77 -34.70
CA GLY A 179 -2.72 2.73 -34.61
C GLY A 179 -3.12 2.35 -33.21
N LYS A 180 -2.53 3.00 -32.20
CA LYS A 180 -2.85 2.77 -30.80
C LYS A 180 -3.78 3.84 -30.26
N ALA A 181 -4.46 3.46 -29.19
CA ALA A 181 -5.36 4.32 -28.48
C ALA A 181 -5.14 4.06 -27.00
N TRP A 182 -5.17 5.13 -26.22
CA TRP A 182 -5.09 5.00 -24.77
C TRP A 182 -6.25 4.12 -24.33
N ASP A 183 -5.98 3.22 -23.40
CA ASP A 183 -6.99 2.32 -22.85
C ASP A 183 -8.03 3.08 -22.04
N TRP A 184 -9.23 2.51 -21.97
N TRP A 184 -9.24 2.50 -21.99
CA TRP A 184 -10.29 3.01 -21.10
CA TRP A 184 -10.32 2.97 -21.15
C TRP A 184 -11.05 1.76 -20.65
C TRP A 184 -11.02 1.72 -20.64
N GLU A 185 -11.56 1.71 -19.42
CA GLU A 185 -11.64 2.83 -18.49
C GLU A 185 -10.39 2.96 -17.67
N VAL A 186 -9.88 4.18 -17.57
CA VAL A 186 -8.79 4.52 -16.63
C VAL A 186 -9.22 5.84 -15.99
N SER A 187 -8.38 6.40 -15.14
CA SER A 187 -8.63 7.72 -14.58
C SER A 187 -8.77 8.76 -15.68
N ASN A 188 -9.73 9.65 -15.51
CA ASN A 188 -9.94 10.70 -16.48
C ASN A 188 -9.15 11.98 -16.16
N GLU A 189 -8.28 11.96 -15.15
CA GLU A 189 -7.31 13.08 -14.98
C GLU A 189 -6.44 13.21 -16.19
N ASN A 190 -6.10 14.45 -16.55
CA ASN A 190 -5.32 14.78 -17.74
C ASN A 190 -5.97 14.22 -19.00
N GLY A 191 -7.29 14.20 -19.00
CA GLY A 191 -8.09 13.71 -20.12
C GLY A 191 -8.23 12.20 -20.09
N ASN A 192 -7.08 11.53 -20.16
CA ASN A 192 -6.97 10.09 -20.02
C ASN A 192 -5.57 9.85 -19.41
N TYR A 193 -5.54 9.17 -18.27
CA TYR A 193 -4.31 8.95 -17.52
C TYR A 193 -3.76 7.54 -17.69
N ASP A 194 -4.02 6.93 -18.85
CA ASP A 194 -3.43 5.64 -19.15
C ASP A 194 -1.92 5.74 -19.09
N TYR A 195 -1.37 6.80 -19.68
CA TYR A 195 0.07 6.92 -19.76
C TYR A 195 0.60 7.45 -18.41
N LEU A 196 1.62 6.79 -17.87
CA LEU A 196 2.29 7.23 -16.64
C LEU A 196 3.81 7.41 -16.85
N MET A 197 4.50 6.33 -17.19
CA MET A 197 5.97 6.27 -17.34
C MET A 197 6.35 5.03 -18.13
N TYR A 198 7.60 5.03 -18.60
CA TYR A 198 8.22 3.91 -19.30
C TYR A 198 7.39 3.60 -20.54
N ALA A 199 7.44 2.33 -20.99
CA ALA A 199 6.60 1.85 -22.10
C ALA A 199 5.25 1.41 -21.57
N ASP A 200 4.19 2.09 -22.01
CA ASP A 200 2.84 1.82 -21.45
C ASP A 200 2.19 0.61 -22.10
N ILE A 201 1.80 -0.37 -21.29
CA ILE A 201 1.26 -1.59 -21.83
C ILE A 201 -0.13 -1.36 -22.47
N ASP A 202 -0.35 -1.95 -23.64
CA ASP A 202 -1.63 -1.86 -24.36
C ASP A 202 -2.55 -2.99 -23.96
N TYR A 203 -3.47 -2.69 -23.05
CA TYR A 203 -4.50 -3.66 -22.61
C TYR A 203 -5.69 -3.84 -23.56
N ASP A 204 -5.64 -3.21 -24.75
CA ASP A 204 -6.50 -3.63 -25.86
C ASP A 204 -5.92 -4.82 -26.64
N HIS A 205 -4.65 -5.18 -26.42
CA HIS A 205 -4.02 -6.24 -27.21
C HIS A 205 -4.33 -7.61 -26.58
N PRO A 206 -4.93 -8.55 -27.34
CA PRO A 206 -5.33 -9.83 -26.73
C PRO A 206 -4.17 -10.73 -26.31
N ASP A 207 -3.01 -10.65 -26.97
CA ASP A 207 -1.85 -11.44 -26.55
C ASP A 207 -1.27 -10.90 -25.23
N VAL A 208 -1.38 -9.60 -25.04
CA VAL A 208 -0.96 -8.93 -23.82
C VAL A 208 -1.85 -9.32 -22.66
N THR A 209 -3.17 -9.26 -22.85
CA THR A 209 -4.09 -9.62 -21.75
C THR A 209 -3.90 -11.10 -21.33
N ALA A 210 -3.78 -11.99 -22.32
CA ALA A 210 -3.48 -13.41 -22.08
C ALA A 210 -2.15 -13.58 -21.32
N GLU A 211 -1.11 -12.91 -21.77
CA GLU A 211 0.22 -13.09 -21.18
C GLU A 211 0.30 -12.60 -19.75
N ILE A 212 -0.26 -11.41 -19.46
CA ILE A 212 -0.18 -10.84 -18.12
C ILE A 212 -1.03 -11.66 -17.12
N LYS A 213 -2.13 -12.23 -17.57
CA LYS A 213 -2.90 -13.18 -16.78
C LYS A 213 -2.11 -14.44 -16.45
N ARG A 214 -1.45 -15.02 -17.44
CA ARG A 214 -0.71 -16.24 -17.15
C ARG A 214 0.52 -15.99 -16.31
N TRP A 215 1.20 -14.87 -16.50
CA TRP A 215 2.30 -14.48 -15.61
C TRP A 215 1.78 -14.36 -14.16
N GLY A 216 0.59 -13.80 -14.01
CA GLY A 216 -0.04 -13.63 -12.70
C GLY A 216 -0.15 -14.95 -11.95
N THR A 217 -0.64 -15.96 -12.65
CA THR A 217 -0.71 -17.33 -12.10
C THR A 217 0.69 -17.88 -11.82
N TRP A 218 1.60 -17.70 -12.78
CA TRP A 218 3.00 -18.14 -12.58
C TRP A 218 3.64 -17.54 -11.29
N TYR A 219 3.44 -16.25 -11.11
CA TYR A 219 4.00 -15.47 -10.02
C TYR A 219 3.45 -15.94 -8.67
N ALA A 220 2.12 -16.10 -8.61
CA ALA A 220 1.46 -16.65 -7.42
C ALA A 220 2.06 -18.02 -7.06
N ASN A 221 2.22 -18.88 -8.07
CA ASN A 221 2.73 -20.25 -7.83
C ASN A 221 4.19 -20.20 -7.39
N GLU A 222 4.97 -19.36 -8.06
CA GLU A 222 6.41 -19.34 -7.88
C GLU A 222 6.77 -18.87 -6.48
N LEU A 223 6.03 -17.91 -5.95
CA LEU A 223 6.33 -17.40 -4.61
C LEU A 223 5.35 -17.88 -3.57
N GLN A 224 4.42 -18.76 -3.95
CA GLN A 224 3.38 -19.24 -3.03
C GLN A 224 2.63 -18.06 -2.37
N LEU A 225 2.25 -17.09 -3.19
CA LEU A 225 1.61 -15.88 -2.71
C LEU A 225 0.20 -16.15 -2.18
N ASP A 226 -0.20 -15.38 -1.18
CA ASP A 226 -1.52 -15.48 -0.59
C ASP A 226 -2.42 -14.39 -1.10
N GLY A 227 -1.84 -13.45 -1.84
CA GLY A 227 -2.57 -12.33 -2.37
C GLY A 227 -1.68 -11.37 -3.11
N PHE A 228 -2.23 -10.19 -3.43
CA PHE A 228 -1.57 -9.22 -4.26
C PHE A 228 -1.77 -7.80 -3.82
N ARG A 229 -0.79 -6.98 -4.14
CA ARG A 229 -0.93 -5.54 -4.07
C ARG A 229 -0.79 -5.00 -5.48
N LEU A 230 -1.84 -4.34 -6.01
CA LEU A 230 -1.82 -3.88 -7.40
C LEU A 230 -1.31 -2.46 -7.50
N ASP A 231 -0.24 -2.28 -8.26
CA ASP A 231 0.39 -0.97 -8.47
C ASP A 231 -0.31 -0.05 -9.48
N ALA A 232 -0.48 1.21 -9.12
CA ALA A 232 -0.77 2.27 -10.08
C ALA A 232 -2.05 2.03 -10.89
N VAL A 233 -3.11 1.52 -10.23
CA VAL A 233 -4.27 1.00 -10.94
C VAL A 233 -5.09 2.06 -11.68
N LYS A 234 -4.98 3.33 -11.29
CA LYS A 234 -5.73 4.37 -12.01
C LYS A 234 -5.23 4.59 -13.44
N HIS A 235 -4.09 3.96 -13.78
CA HIS A 235 -3.51 4.01 -15.10
C HIS A 235 -3.68 2.70 -15.91
N ILE A 236 -4.47 1.76 -15.39
CA ILE A 236 -4.61 0.43 -15.99
C ILE A 236 -6.12 0.14 -16.19
N LYS A 237 -6.46 -0.22 -17.42
CA LYS A 237 -7.81 -0.55 -17.78
C LYS A 237 -8.57 -1.30 -16.67
N PHE A 238 -9.65 -0.72 -16.14
CA PHE A 238 -10.31 -1.28 -14.93
C PHE A 238 -10.88 -2.68 -15.16
N SER A 239 -11.55 -2.88 -16.30
CA SER A 239 -12.10 -4.19 -16.61
C SER A 239 -11.01 -5.26 -16.73
N PHE A 240 -9.81 -4.88 -17.19
CA PHE A 240 -8.71 -5.83 -17.24
C PHE A 240 -8.29 -6.23 -15.82
N LEU A 241 -8.14 -5.27 -14.93
CA LEU A 241 -7.74 -5.59 -13.56
C LEU A 241 -8.74 -6.52 -12.89
N ARG A 242 -10.03 -6.20 -13.04
CA ARG A 242 -11.12 -7.08 -12.57
C ARG A 242 -10.93 -8.50 -13.08
N ASP A 243 -10.73 -8.64 -14.38
CA ASP A 243 -10.58 -9.93 -15.04
C ASP A 243 -9.31 -10.64 -14.61
N TRP A 244 -8.24 -9.88 -14.40
CA TRP A 244 -6.98 -10.48 -13.98
C TRP A 244 -7.09 -11.11 -12.58
N VAL A 245 -7.70 -10.36 -11.65
CA VAL A 245 -7.93 -10.83 -10.30
C VAL A 245 -8.78 -12.10 -10.33
N ASN A 246 -9.87 -12.13 -11.11
CA ASN A 246 -10.70 -13.32 -11.18
C ASN A 246 -9.93 -14.49 -11.77
N HIS A 247 -9.17 -14.21 -12.83
CA HIS A 247 -8.38 -15.22 -13.51
C HIS A 247 -7.40 -15.92 -12.56
N VAL A 248 -6.61 -15.16 -11.81
CA VAL A 248 -5.60 -15.80 -10.92
C VAL A 248 -6.30 -16.59 -9.81
N ARG A 249 -7.40 -16.04 -9.29
CA ARG A 249 -8.20 -16.77 -8.28
C ARG A 249 -8.73 -18.09 -8.83
N GLU A 250 -9.22 -18.05 -10.05
CA GLU A 250 -9.71 -19.25 -10.70
C GLU A 250 -8.62 -20.26 -10.88
N LYS A 251 -7.46 -19.85 -11.36
CA LYS A 251 -6.37 -20.80 -11.60
C LYS A 251 -5.72 -21.34 -10.33
N THR A 252 -5.53 -20.50 -9.33
CA THR A 252 -4.90 -20.95 -8.08
C THR A 252 -5.87 -21.68 -7.17
N GLY A 253 -7.16 -21.38 -7.30
CA GLY A 253 -8.18 -21.87 -6.37
C GLY A 253 -8.01 -21.33 -4.96
N LYS A 254 -7.35 -20.19 -4.80
CA LYS A 254 -7.16 -19.60 -3.47
C LYS A 254 -7.90 -18.28 -3.41
N GLU A 255 -8.22 -17.81 -2.21
CA GLU A 255 -8.88 -16.52 -2.02
C GLU A 255 -8.13 -15.38 -2.72
N MET A 256 -6.81 -15.36 -2.56
CA MET A 256 -5.95 -14.30 -3.10
C MET A 256 -6.51 -12.90 -2.77
N PHE A 257 -6.50 -12.55 -1.49
CA PHE A 257 -6.77 -11.18 -1.08
C PHE A 257 -5.98 -10.20 -1.97
N THR A 258 -6.65 -9.20 -2.51
CA THR A 258 -6.01 -8.22 -3.36
C THR A 258 -6.41 -6.80 -2.92
N VAL A 259 -5.40 -5.93 -2.82
CA VAL A 259 -5.63 -4.51 -2.55
C VAL A 259 -4.96 -3.72 -3.66
N ALA A 260 -5.67 -2.72 -4.17
CA ALA A 260 -5.21 -1.87 -5.25
C ALA A 260 -4.84 -0.50 -4.71
N GLU A 261 -3.77 0.06 -5.27
CA GLU A 261 -3.37 1.42 -5.03
C GLU A 261 -3.94 2.32 -6.12
N TYR A 262 -5.12 2.85 -5.85
CA TYR A 262 -5.79 3.80 -6.72
C TYR A 262 -5.54 5.16 -6.09
N TRP A 263 -4.64 5.97 -6.67
CA TRP A 263 -4.20 7.17 -5.98
C TRP A 263 -5.04 8.39 -6.32
N GLN A 264 -6.04 8.61 -5.51
CA GLN A 264 -6.84 9.76 -5.63
C GLN A 264 -7.42 10.10 -4.30
N ASN A 265 -7.29 11.36 -3.91
CA ASN A 265 -7.93 11.86 -2.71
C ASN A 265 -9.40 12.22 -3.00
N ASP A 266 -10.22 11.22 -3.35
CA ASP A 266 -11.57 11.46 -3.83
C ASP A 266 -12.32 10.15 -3.63
N LEU A 267 -13.23 10.16 -2.66
CA LEU A 267 -14.00 8.98 -2.34
C LEU A 267 -14.82 8.49 -3.53
N GLY A 268 -15.41 9.43 -4.27
CA GLY A 268 -16.23 9.10 -5.44
C GLY A 268 -15.47 8.39 -6.56
N ALA A 269 -14.23 8.82 -6.79
CA ALA A 269 -13.38 8.15 -7.79
C ALA A 269 -13.06 6.73 -7.34
N LEU A 270 -12.85 6.53 -6.05
CA LEU A 270 -12.57 5.21 -5.55
C LEU A 270 -13.80 4.32 -5.59
N GLU A 271 -14.96 4.88 -5.29
CA GLU A 271 -16.22 4.18 -5.42
C GLU A 271 -16.46 3.75 -6.85
N ASN A 272 -16.12 4.61 -7.80
CA ASN A 272 -16.24 4.28 -9.21
C ASN A 272 -15.34 3.08 -9.54
N TYR A 273 -14.09 3.12 -9.13
CA TYR A 273 -13.16 2.00 -9.36
C TYR A 273 -13.65 0.67 -8.75
N LEU A 274 -14.16 0.76 -7.54
CA LEU A 274 -14.74 -0.40 -6.85
C LEU A 274 -15.90 -0.93 -7.65
N ASN A 275 -16.79 -0.04 -8.07
CA ASN A 275 -17.91 -0.46 -8.94
C ASN A 275 -17.49 -1.12 -10.23
N LYS A 276 -16.54 -0.52 -10.93
CA LYS A 276 -16.10 -1.08 -12.20
C LYS A 276 -15.30 -2.36 -12.04
N THR A 277 -14.76 -2.65 -10.87
CA THR A 277 -14.11 -3.94 -10.66
C THR A 277 -15.01 -4.93 -9.86
N ASN A 278 -16.30 -4.61 -9.77
CA ASN A 278 -17.31 -5.42 -9.10
C ASN A 278 -17.01 -5.73 -7.65
N PHE A 279 -16.31 -4.84 -6.96
CA PHE A 279 -15.97 -5.04 -5.56
C PHE A 279 -15.25 -6.37 -5.31
N ASN A 280 -14.48 -6.84 -6.30
CA ASN A 280 -13.77 -8.12 -6.15
C ASN A 280 -12.43 -7.92 -5.43
N HIS A 281 -12.03 -6.67 -5.18
CA HIS A 281 -10.85 -6.38 -4.38
C HIS A 281 -10.90 -5.04 -3.63
N SER A 282 -9.95 -4.87 -2.69
CA SER A 282 -9.87 -3.70 -1.82
C SER A 282 -9.06 -2.56 -2.39
N VAL A 283 -9.18 -1.41 -1.77
CA VAL A 283 -8.35 -0.27 -2.11
C VAL A 283 -7.72 0.33 -0.87
N PHE A 284 -6.57 0.95 -1.05
CA PHE A 284 -5.97 1.73 0.03
C PHE A 284 -6.83 2.95 0.29
N ASP A 285 -7.00 3.27 1.58
CA ASP A 285 -7.84 4.39 1.98
C ASP A 285 -7.07 5.71 1.84
N VAL A 286 -6.98 6.17 0.60
CA VAL A 286 -6.19 7.33 0.30
C VAL A 286 -6.76 8.58 0.96
N PRO A 287 -8.09 8.75 0.98
CA PRO A 287 -8.65 9.92 1.65
C PRO A 287 -8.33 9.99 3.16
N LEU A 288 -8.36 8.86 3.83
CA LEU A 288 -7.97 8.84 5.23
C LEU A 288 -6.53 9.30 5.44
N HIS A 289 -5.62 8.80 4.60
CA HIS A 289 -4.22 9.24 4.62
C HIS A 289 -4.13 10.75 4.56
N TYR A 290 -4.89 11.38 3.65
CA TYR A 290 -4.83 12.84 3.50
C TYR A 290 -5.41 13.57 4.70
N GLN A 291 -6.45 12.99 5.32
CA GLN A 291 -6.94 13.55 6.58
C GLN A 291 -5.85 13.50 7.68
N PHE A 292 -5.12 12.40 7.77
CA PHE A 292 -4.08 12.31 8.77
C PHE A 292 -3.01 13.36 8.43
N HIS A 293 -2.65 13.47 7.16
CA HIS A 293 -1.68 14.47 6.76
C HIS A 293 -2.12 15.87 7.16
N ALA A 294 -3.35 16.21 6.84
CA ALA A 294 -3.91 17.51 7.18
C ALA A 294 -3.94 17.78 8.71
N ALA A 295 -4.46 16.85 9.51
CA ALA A 295 -4.46 16.98 10.97
C ALA A 295 -3.04 17.22 11.49
N SER A 296 -2.07 16.48 10.94
CA SER A 296 -0.70 16.54 11.41
C SER A 296 0.01 17.84 11.09
N THR A 297 -0.50 18.60 10.10
CA THR A 297 0.15 19.88 9.72
C THR A 297 -0.62 21.10 10.13
N GLN A 298 -1.80 20.95 10.75
CA GLN A 298 -2.57 22.10 11.14
C GLN A 298 -2.53 22.48 12.64
N GLY A 299 -1.71 21.81 13.43
CA GLY A 299 -1.41 22.30 14.79
C GLY A 299 -2.58 22.48 15.75
N GLY A 300 -3.60 21.64 15.63
CA GLY A 300 -4.79 21.74 16.46
C GLY A 300 -5.95 22.39 15.75
N GLY A 301 -5.70 23.07 14.63
CA GLY A 301 -6.76 23.74 13.88
C GLY A 301 -7.67 22.80 13.10
N TYR A 302 -7.22 21.56 12.86
CA TYR A 302 -8.05 20.57 12.19
C TYR A 302 -9.24 20.19 13.07
N ASP A 303 -10.41 20.01 12.46
CA ASP A 303 -11.56 19.49 13.16
C ASP A 303 -11.50 17.96 13.14
N MET A 304 -11.06 17.37 14.27
CA MET A 304 -10.85 15.92 14.41
C MET A 304 -12.13 15.07 14.20
N ARG A 305 -13.30 15.71 14.28
CA ARG A 305 -14.55 15.05 13.91
C ARG A 305 -14.61 14.64 12.44
N LYS A 306 -13.88 15.33 11.59
CA LYS A 306 -13.88 15.01 10.15
C LYS A 306 -13.30 13.64 9.83
N LEU A 307 -12.51 13.06 10.75
CA LEU A 307 -11.88 11.74 10.53
C LEU A 307 -12.88 10.65 10.22
N LEU A 308 -14.13 10.81 10.64
CA LEU A 308 -15.17 9.81 10.40
C LEU A 308 -15.88 9.89 9.05
N ASN A 309 -15.57 10.88 8.21
CA ASN A 309 -16.34 11.11 6.94
C ASN A 309 -15.42 11.23 5.75
N GLY A 310 -15.95 10.94 4.57
CA GLY A 310 -15.20 11.12 3.32
C GLY A 310 -14.10 10.10 3.08
N THR A 311 -14.11 8.97 3.79
CA THR A 311 -13.05 7.95 3.68
C THR A 311 -13.60 6.64 3.17
N VAL A 312 -12.71 5.80 2.63
CA VAL A 312 -13.13 4.47 2.17
C VAL A 312 -13.65 3.66 3.37
N VAL A 313 -12.95 3.77 4.49
CA VAL A 313 -13.31 2.99 5.66
C VAL A 313 -14.68 3.39 6.25
N SER A 314 -15.04 4.67 6.14
CA SER A 314 -16.39 5.13 6.52
C SER A 314 -17.53 4.56 5.69
N LYS A 315 -17.31 4.32 4.40
CA LYS A 315 -18.38 3.83 3.51
C LYS A 315 -18.30 2.38 3.10
N HIS A 316 -17.09 1.85 2.92
CA HIS A 316 -16.89 0.48 2.44
C HIS A 316 -15.80 -0.15 3.26
N PRO A 317 -16.05 -0.30 4.57
CA PRO A 317 -15.04 -0.80 5.51
C PRO A 317 -14.46 -2.16 5.13
N VAL A 318 -15.27 -3.03 4.55
CA VAL A 318 -14.78 -4.37 4.16
C VAL A 318 -13.72 -4.28 3.04
N LYS A 319 -13.78 -3.21 2.26
CA LYS A 319 -12.91 -3.03 1.12
C LYS A 319 -11.81 -1.99 1.33
N ALA A 320 -11.64 -1.51 2.56
CA ALA A 320 -10.63 -0.49 2.87
C ALA A 320 -9.39 -1.09 3.51
N VAL A 321 -8.23 -0.81 2.96
CA VAL A 321 -6.98 -1.04 3.64
C VAL A 321 -6.51 0.34 4.12
N THR A 322 -6.50 0.52 5.45
CA THR A 322 -6.15 1.79 6.03
C THR A 322 -4.66 1.84 6.29
N PHE A 323 -4.10 3.04 6.17
CA PHE A 323 -2.67 3.22 6.33
C PHE A 323 -2.35 4.64 6.73
N VAL A 324 -1.13 4.84 7.24
CA VAL A 324 -0.69 6.17 7.64
C VAL A 324 0.21 6.79 6.58
N ASP A 325 1.25 6.07 6.16
CA ASP A 325 2.17 6.53 5.13
C ASP A 325 2.63 5.32 4.31
N ASN A 326 3.21 5.59 3.15
CA ASN A 326 3.80 4.54 2.37
C ASN A 326 5.02 5.05 1.65
N HIS A 327 5.54 4.21 0.76
CA HIS A 327 6.78 4.50 0.01
C HIS A 327 6.61 5.66 -0.99
N ASP A 328 5.38 6.01 -1.37
CA ASP A 328 5.14 7.17 -2.21
C ASP A 328 4.89 8.45 -1.43
N THR A 329 4.39 8.36 -0.19
CA THR A 329 4.06 9.54 0.60
C THR A 329 5.21 9.97 1.52
N GLN A 330 6.18 9.10 1.72
CA GLN A 330 7.34 9.40 2.57
C GLN A 330 8.16 10.55 2.03
N PRO A 331 8.98 11.19 2.87
CA PRO A 331 9.66 12.39 2.44
C PRO A 331 10.49 12.17 1.18
N GLY A 332 10.38 13.10 0.24
CA GLY A 332 11.14 13.10 -0.99
C GLY A 332 10.51 12.33 -2.16
N GLN A 333 9.41 11.61 -1.92
CA GLN A 333 8.86 10.74 -2.95
C GLN A 333 7.70 11.39 -3.67
N SER A 334 7.23 10.72 -4.70
CA SER A 334 6.49 11.40 -5.74
C SER A 334 5.11 11.80 -5.30
N LEU A 335 4.60 11.20 -4.23
CA LEU A 335 3.30 11.58 -3.66
C LEU A 335 3.44 12.13 -2.25
N GLU A 336 4.56 12.80 -2.01
CA GLU A 336 4.92 13.24 -0.68
C GLU A 336 3.74 13.94 -0.01
N SER A 337 3.33 13.38 1.12
CA SER A 337 2.30 13.96 1.97
C SER A 337 2.40 13.27 3.33
N THR A 338 3.58 13.42 3.94
CA THR A 338 3.94 12.65 5.11
C THR A 338 3.15 13.08 6.34
N VAL A 339 2.65 12.11 7.09
CA VAL A 339 1.96 12.38 8.34
C VAL A 339 3.08 12.71 9.32
N GLN A 340 3.07 13.92 9.85
CA GLN A 340 4.14 14.42 10.69
C GLN A 340 4.39 13.56 11.93
N THR A 341 5.65 13.51 12.34
CA THR A 341 6.12 12.57 13.37
C THR A 341 5.22 12.59 14.63
N TRP A 342 4.88 13.76 15.12
CA TRP A 342 4.10 13.88 16.38
C TRP A 342 2.70 13.23 16.32
N PHE A 343 2.07 13.30 15.15
CA PHE A 343 0.72 12.81 14.97
C PHE A 343 0.66 11.34 14.61
N LYS A 344 1.78 10.82 14.11
CA LYS A 344 1.81 9.46 13.57
C LYS A 344 1.30 8.37 14.54
N PRO A 345 1.66 8.46 15.85
CA PRO A 345 1.11 7.43 16.75
C PRO A 345 -0.41 7.50 16.95
N LEU A 346 -0.98 8.70 16.83
CA LEU A 346 -2.41 8.92 16.94
C LEU A 346 -3.13 8.30 15.75
N ALA A 347 -2.55 8.49 14.56
CA ALA A 347 -3.06 7.91 13.31
C ALA A 347 -3.03 6.38 13.38
N TYR A 348 -1.92 5.84 13.91
CA TYR A 348 -1.82 4.40 14.13
C TYR A 348 -2.88 3.89 15.11
N ALA A 349 -3.14 4.62 16.19
CA ALA A 349 -4.22 4.24 17.11
C ALA A 349 -5.55 4.17 16.33
N PHE A 350 -5.78 5.18 15.53
CA PHE A 350 -7.01 5.23 14.72
C PHE A 350 -7.18 4.00 13.82
N ILE A 351 -6.15 3.62 13.08
CA ILE A 351 -6.30 2.50 12.14
C ILE A 351 -6.24 1.13 12.83
N LEU A 352 -5.50 1.04 13.94
CA LEU A 352 -5.21 -0.24 14.59
C LEU A 352 -6.20 -0.69 15.62
N THR A 353 -6.83 0.27 16.33
CA THR A 353 -7.70 -0.09 17.44
C THR A 353 -9.18 0.05 17.16
N ARG A 354 -9.55 0.56 16.00
CA ARG A 354 -10.94 0.69 15.60
C ARG A 354 -11.39 -0.53 14.83
N GLU A 355 -12.70 -0.77 14.85
CA GLU A 355 -13.25 -2.03 14.32
C GLU A 355 -13.20 -2.13 12.79
N ALA A 356 -13.29 -0.99 12.11
CA ALA A 356 -13.45 -0.98 10.65
C ALA A 356 -12.10 -0.95 9.94
N GLY A 357 -12.07 -1.58 8.77
CA GLY A 357 -10.91 -1.59 7.91
C GLY A 357 -9.82 -2.63 8.26
N TYR A 358 -8.95 -2.84 7.28
CA TYR A 358 -7.81 -3.72 7.36
C TYR A 358 -6.58 -2.79 7.45
N PRO A 359 -6.00 -2.63 8.64
CA PRO A 359 -4.91 -1.65 8.76
C PRO A 359 -3.57 -2.19 8.34
N GLN A 360 -2.75 -1.29 7.82
CA GLN A 360 -1.41 -1.58 7.38
C GLN A 360 -0.41 -0.66 8.05
N ILE A 361 0.65 -1.25 8.60
CA ILE A 361 1.74 -0.47 9.15
C ILE A 361 2.87 -0.39 8.12
N PHE A 362 3.62 0.69 8.18
CA PHE A 362 4.66 1.01 7.20
C PHE A 362 6.03 0.71 7.77
N TYR A 363 6.82 -0.09 7.05
CA TYR A 363 8.24 -0.30 7.37
C TYR A 363 8.99 0.99 7.74
N GLY A 364 8.82 2.02 6.90
CA GLY A 364 9.45 3.32 7.12
C GLY A 364 9.06 3.98 8.44
N ASP A 365 7.85 3.74 8.90
CA ASP A 365 7.40 4.24 10.21
C ASP A 365 7.99 3.45 11.37
N MET A 366 8.06 2.13 11.24
CA MET A 366 8.62 1.30 12.30
C MET A 366 10.12 1.52 12.47
N TYR A 367 10.85 1.49 11.35
CA TYR A 367 12.30 1.44 11.37
C TYR A 367 12.97 2.71 10.89
N GLY A 368 12.19 3.72 10.47
CA GLY A 368 12.75 4.93 9.91
C GLY A 368 12.99 4.82 8.42
N THR A 369 13.11 5.95 7.76
CA THR A 369 13.46 6.00 6.36
C THR A 369 14.91 6.44 6.21
N LYS A 370 15.58 5.90 5.19
CA LYS A 370 17.00 6.14 5.01
C LYS A 370 17.33 6.96 3.79
N GLY A 371 16.49 7.95 3.51
CA GLY A 371 16.78 8.94 2.50
C GLY A 371 17.98 9.76 2.92
N ALA A 372 18.44 10.59 2.01
CA ALA A 372 19.65 11.37 2.24
C ALA A 372 19.34 12.72 2.93
N SER A 373 18.04 13.05 3.09
CA SER A 373 17.61 14.29 3.77
C SER A 373 17.69 14.17 5.29
N GLN A 374 17.39 15.29 5.93
CA GLN A 374 17.20 15.39 7.38
C GLN A 374 15.70 15.63 7.69
N ARG A 375 14.81 15.18 6.79
CA ARG A 375 13.35 15.17 7.02
C ARG A 375 12.85 13.75 7.10
N GLU A 376 13.79 12.82 7.21
CA GLU A 376 13.45 11.42 7.16
C GLU A 376 12.54 11.07 8.35
N ILE A 377 11.72 10.05 8.18
CA ILE A 377 10.84 9.60 9.26
C ILE A 377 11.72 8.87 10.26
N PRO A 378 11.64 9.23 11.56
CA PRO A 378 12.44 8.49 12.53
C PRO A 378 11.86 7.12 12.81
N ALA A 379 12.65 6.22 13.36
CA ALA A 379 12.14 4.93 13.80
C ALA A 379 11.13 5.12 14.96
N LEU A 380 9.88 4.80 14.72
CA LEU A 380 8.83 4.92 15.74
C LEU A 380 8.30 3.57 16.27
N LYS A 381 8.99 2.50 15.93
CA LYS A 381 8.75 1.15 16.47
C LYS A 381 8.24 1.09 17.94
N HIS A 382 8.94 1.78 18.82
CA HIS A 382 8.63 1.68 20.26
C HIS A 382 7.36 2.40 20.65
N LYS A 383 6.94 3.35 19.84
CA LYS A 383 5.66 4.03 20.04
C LYS A 383 4.51 3.30 19.40
N ILE A 384 4.80 2.49 18.38
CA ILE A 384 3.77 1.76 17.63
C ILE A 384 3.52 0.37 18.25
N GLU A 385 4.56 -0.27 18.75
CA GLU A 385 4.43 -1.58 19.41
C GLU A 385 3.30 -1.73 20.42
N PRO A 386 3.14 -0.79 21.36
CA PRO A 386 1.99 -0.93 22.29
C PRO A 386 0.64 -0.78 21.62
N ILE A 387 0.58 -0.04 20.50
CA ILE A 387 -0.66 0.12 19.75
C ILE A 387 -0.98 -1.20 18.98
N LEU A 388 0.05 -1.82 18.42
CA LEU A 388 -0.08 -3.15 17.84
C LEU A 388 -0.55 -4.22 18.86
N LYS A 389 0.01 -4.15 20.06
CA LYS A 389 -0.38 -5.04 21.13
C LYS A 389 -1.85 -4.76 21.51
N ALA A 390 -2.24 -3.49 21.57
CA ALA A 390 -3.63 -3.14 21.79
C ALA A 390 -4.54 -3.76 20.76
N ARG A 391 -4.16 -3.70 19.48
CA ARG A 391 -4.96 -4.38 18.47
C ARG A 391 -5.02 -5.88 18.68
N LYS A 392 -3.87 -6.48 18.87
CA LYS A 392 -3.75 -7.92 18.89
C LYS A 392 -4.56 -8.53 20.07
N GLN A 393 -4.41 -7.92 21.24
CA GLN A 393 -4.98 -8.48 22.46
C GLN A 393 -6.27 -7.84 22.96
N TYR A 394 -6.54 -6.58 22.62
CA TYR A 394 -7.57 -5.80 23.31
C TYR A 394 -8.70 -5.21 22.48
N ALA A 395 -8.47 -5.01 21.18
CA ALA A 395 -9.43 -4.32 20.27
C ALA A 395 -10.48 -5.27 19.71
N TYR A 396 -11.38 -5.67 20.58
CA TYR A 396 -12.46 -6.59 20.22
C TYR A 396 -13.75 -6.12 20.83
N GLY A 397 -14.86 -6.53 20.20
CA GLY A 397 -16.21 -6.29 20.69
C GLY A 397 -16.74 -4.97 20.23
N ALA A 398 -17.89 -4.61 20.76
CA ALA A 398 -18.65 -3.46 20.32
C ALA A 398 -17.88 -2.17 20.54
N GLN A 399 -17.98 -1.29 19.55
CA GLN A 399 -17.30 -0.02 19.53
C GLN A 399 -18.24 1.14 19.87
N HIS A 400 -17.76 2.11 20.63
CA HIS A 400 -18.48 3.33 20.91
C HIS A 400 -17.62 4.52 20.57
N ASP A 401 -18.14 5.44 19.73
CA ASP A 401 -17.37 6.58 19.26
C ASP A 401 -17.66 7.84 20.02
N TYR A 402 -16.63 8.63 20.27
CA TYR A 402 -16.75 9.92 20.89
C TYR A 402 -16.01 10.93 20.04
N PHE A 403 -16.62 11.27 18.90
CA PHE A 403 -16.08 12.31 18.05
C PHE A 403 -16.94 13.52 18.21
N ASP A 404 -16.76 14.13 19.36
CA ASP A 404 -17.69 15.11 19.91
C ASP A 404 -16.95 16.37 20.33
N HIS A 405 -15.78 16.61 19.77
CA HIS A 405 -14.92 17.71 20.19
C HIS A 405 -13.96 17.97 19.05
N HIS A 406 -13.52 19.20 18.95
CA HIS A 406 -12.69 19.66 17.85
C HIS A 406 -11.28 19.03 17.89
N ASN A 407 -10.78 18.74 19.09
CA ASN A 407 -9.41 18.25 19.30
C ASN A 407 -9.35 16.85 19.90
N ILE A 408 -10.03 16.65 21.04
CA ILE A 408 -10.02 15.40 21.79
C ILE A 408 -11.15 14.49 21.33
N VAL A 409 -10.79 13.42 20.65
CA VAL A 409 -11.74 12.41 20.23
C VAL A 409 -11.30 11.04 20.72
N GLY A 410 -12.26 10.15 20.87
CA GLY A 410 -11.97 8.83 21.36
C GLY A 410 -12.97 7.79 20.94
N TRP A 411 -12.65 6.56 21.32
CA TRP A 411 -13.53 5.43 21.05
C TRP A 411 -13.19 4.34 22.07
N THR A 412 -14.17 3.50 22.38
CA THR A 412 -13.97 2.35 23.24
C THR A 412 -14.32 1.06 22.52
N ARG A 413 -13.80 -0.03 23.05
CA ARG A 413 -14.15 -1.37 22.61
C ARG A 413 -14.48 -2.15 23.87
N GLU A 414 -15.61 -2.81 23.87
CA GLU A 414 -16.14 -3.45 25.09
C GLU A 414 -15.41 -4.73 25.46
N GLY A 415 -14.66 -5.29 24.51
CA GLY A 415 -14.09 -6.62 24.66
C GLY A 415 -15.09 -7.67 24.19
N ASP A 416 -14.58 -8.88 24.01
CA ASP A 416 -15.37 -10.03 23.60
C ASP A 416 -15.01 -11.18 24.52
N SER A 417 -15.99 -12.01 24.88
CA SER A 417 -15.74 -13.17 25.77
C SER A 417 -14.73 -14.19 25.21
N SER A 418 -14.58 -14.24 23.89
CA SER A 418 -13.60 -15.12 23.26
C SER A 418 -12.13 -14.62 23.31
N VAL A 419 -11.87 -13.39 23.77
CA VAL A 419 -10.51 -12.91 23.99
C VAL A 419 -10.44 -12.37 25.42
N ALA A 420 -9.79 -13.16 26.28
CA ALA A 420 -9.67 -12.91 27.71
C ALA A 420 -9.12 -11.51 27.96
N ASN A 421 -9.82 -10.74 28.80
CA ASN A 421 -9.42 -9.39 29.23
C ASN A 421 -9.39 -8.33 28.15
N SER A 422 -10.07 -8.58 27.05
CA SER A 422 -10.07 -7.65 25.93
C SER A 422 -10.95 -6.46 26.32
N GLY A 423 -10.84 -5.40 25.54
CA GLY A 423 -11.50 -4.14 25.80
C GLY A 423 -10.48 -3.02 25.87
N LEU A 424 -10.83 -1.86 25.34
CA LEU A 424 -9.93 -0.70 25.38
C LEU A 424 -10.70 0.62 25.32
N ALA A 425 -10.01 1.68 25.74
CA ALA A 425 -10.51 3.04 25.67
C ALA A 425 -9.40 3.92 25.15
N ALA A 426 -9.59 4.45 23.93
CA ALA A 426 -8.58 5.23 23.24
C ALA A 426 -8.99 6.70 23.20
N LEU A 427 -8.02 7.58 23.42
CA LEU A 427 -8.14 8.99 23.19
C LEU A 427 -6.95 9.47 22.41
N ILE A 428 -7.23 10.34 21.42
CA ILE A 428 -6.21 11.10 20.69
C ILE A 428 -6.62 12.57 20.68
N THR A 429 -5.63 13.45 20.61
CA THR A 429 -5.92 14.87 20.44
C THR A 429 -4.84 15.55 19.58
N ASP A 430 -5.28 16.37 18.63
CA ASP A 430 -4.34 17.21 17.88
C ASP A 430 -4.06 18.53 18.56
N GLY A 431 -4.60 18.74 19.76
CA GLY A 431 -4.47 20.01 20.47
C GLY A 431 -4.17 19.77 21.92
N PRO A 432 -4.69 20.64 22.82
CA PRO A 432 -4.52 20.41 24.25
C PRO A 432 -5.15 19.10 24.69
N GLY A 433 -4.56 18.54 25.74
CA GLY A 433 -5.03 17.33 26.34
C GLY A 433 -6.19 17.64 27.26
N GLY A 434 -6.65 16.63 27.98
CA GLY A 434 -7.78 16.76 28.89
C GLY A 434 -8.38 15.40 29.12
N THR A 435 -9.68 15.37 29.40
CA THR A 435 -10.30 14.12 29.84
C THR A 435 -11.57 13.92 29.10
N LYS A 436 -11.93 12.66 28.95
CA LYS A 436 -13.23 12.30 28.41
C LYS A 436 -13.78 11.09 29.16
N ARG A 437 -15.03 11.18 29.63
CA ARG A 437 -15.76 10.04 30.16
C ARG A 437 -16.31 9.22 29.01
N MET A 438 -16.07 7.91 29.02
CA MET A 438 -16.48 7.02 27.92
C MET A 438 -17.01 5.70 28.48
N TYR A 439 -18.01 5.16 27.80
CA TYR A 439 -18.59 3.88 28.14
C TYR A 439 -17.78 2.74 27.54
N VAL A 440 -17.31 1.85 28.39
CA VAL A 440 -16.55 0.68 27.97
C VAL A 440 -17.32 -0.64 28.11
N GLY A 441 -18.58 -0.59 28.53
CA GLY A 441 -19.37 -1.80 28.80
C GLY A 441 -19.50 -2.12 30.27
N ARG A 442 -20.73 -2.30 30.73
CA ARG A 442 -21.01 -2.78 32.09
C ARG A 442 -20.29 -4.07 32.47
N GLN A 443 -20.03 -4.95 31.51
CA GLN A 443 -19.23 -6.16 31.78
C GLN A 443 -17.79 -5.92 32.21
N ASN A 444 -17.31 -4.67 32.11
CA ASN A 444 -15.98 -4.29 32.60
C ASN A 444 -16.05 -3.47 33.91
N ALA A 445 -17.23 -3.37 34.52
CA ALA A 445 -17.41 -2.63 35.77
C ALA A 445 -16.43 -3.11 36.84
N GLY A 446 -15.81 -2.19 37.57
CA GLY A 446 -14.88 -2.53 38.64
C GLY A 446 -13.48 -2.93 38.25
N GLU A 447 -13.16 -2.98 36.96
CA GLU A 447 -11.82 -3.32 36.52
C GLU A 447 -10.91 -2.08 36.60
N THR A 448 -9.62 -2.30 36.77
CA THR A 448 -8.64 -1.22 36.79
C THR A 448 -7.90 -1.23 35.49
N TRP A 449 -7.98 -0.13 34.74
CA TRP A 449 -7.41 -0.05 33.41
C TRP A 449 -6.23 0.91 33.45
N HIS A 450 -5.29 0.70 32.53
CA HIS A 450 -4.10 1.55 32.46
C HIS A 450 -3.68 1.76 31.00
N ASP A 451 -2.93 2.82 30.76
CA ASP A 451 -2.51 3.25 29.42
C ASP A 451 -1.38 2.36 28.94
N ILE A 452 -1.67 1.50 28.00
CA ILE A 452 -0.69 0.57 27.43
C ILE A 452 0.45 1.29 26.71
N THR A 453 0.24 2.52 26.25
CA THR A 453 1.32 3.32 25.67
C THR A 453 2.30 3.88 26.69
N GLY A 454 1.89 3.95 27.96
CA GLY A 454 2.70 4.52 29.03
C GLY A 454 2.74 6.04 29.01
N ASN A 455 1.99 6.69 28.11
CA ASN A 455 1.99 8.14 28.08
C ASN A 455 1.36 8.78 29.31
N ARG A 456 0.31 8.15 29.84
CA ARG A 456 -0.32 8.57 31.06
C ARG A 456 -0.09 7.47 32.08
N SER A 457 0.25 7.85 33.30
CA SER A 457 0.56 6.83 34.31
C SER A 457 -0.61 6.58 35.24
N ASP A 458 -1.75 7.25 35.06
CA ASP A 458 -2.90 7.01 35.94
C ASP A 458 -3.68 5.73 35.60
N SER A 459 -4.19 5.10 36.66
CA SER A 459 -5.12 3.97 36.58
C SER A 459 -6.51 4.52 36.55
N VAL A 460 -7.39 3.89 35.80
CA VAL A 460 -8.80 4.25 35.75
C VAL A 460 -9.61 3.03 36.18
N VAL A 461 -10.44 3.21 37.20
CA VAL A 461 -11.33 2.16 37.68
C VAL A 461 -12.67 2.37 36.99
N ILE A 462 -13.15 1.35 36.27
CA ILE A 462 -14.45 1.45 35.57
C ILE A 462 -15.59 1.39 36.62
N ASN A 463 -16.54 2.33 36.56
CA ASN A 463 -17.61 2.36 37.57
C ASN A 463 -18.65 1.28 37.29
N ALA A 464 -19.65 1.18 38.14
CA ALA A 464 -20.70 0.15 38.05
C ALA A 464 -21.52 0.24 36.77
N GLU A 465 -21.61 1.43 36.20
CA GLU A 465 -22.42 1.68 35.03
C GLU A 465 -21.59 1.46 33.73
N GLY A 466 -20.32 1.08 33.89
CA GLY A 466 -19.43 0.79 32.75
C GLY A 466 -18.71 2.01 32.18
N TRP A 467 -18.67 3.10 32.94
CA TRP A 467 -18.01 4.32 32.49
C TRP A 467 -16.66 4.51 33.18
N GLY A 468 -15.70 5.03 32.43
CA GLY A 468 -14.44 5.46 32.99
C GLY A 468 -14.15 6.90 32.60
N GLU A 469 -13.36 7.56 33.44
CA GLU A 469 -12.84 8.87 33.16
C GLU A 469 -11.39 8.77 32.68
N PHE A 470 -11.19 8.94 31.37
CA PHE A 470 -9.90 8.71 30.72
C PHE A 470 -9.21 10.03 30.40
N HIS A 471 -7.89 10.01 30.46
CA HIS A 471 -7.06 11.19 30.24
C HIS A 471 -6.16 11.05 29.01
N VAL A 472 -5.81 12.20 28.42
CA VAL A 472 -4.84 12.25 27.35
C VAL A 472 -4.00 13.53 27.44
N ASN A 473 -2.69 13.40 27.20
CA ASN A 473 -1.79 14.55 27.14
C ASN A 473 -1.98 15.33 25.85
N GLY A 474 -1.39 16.51 25.82
CA GLY A 474 -1.40 17.37 24.67
C GLY A 474 -0.77 16.69 23.47
N GLY A 475 -1.46 16.77 22.33
CA GLY A 475 -0.97 16.19 21.08
C GLY A 475 -0.55 14.73 21.21
N SER A 476 -1.30 13.95 21.94
CA SER A 476 -0.86 12.62 22.35
C SER A 476 -1.94 11.61 22.11
N VAL A 477 -1.64 10.37 22.47
CA VAL A 477 -2.58 9.25 22.42
C VAL A 477 -2.43 8.50 23.74
N SER A 478 -3.55 8.03 24.26
CA SER A 478 -3.58 7.09 25.36
C SER A 478 -4.57 5.99 25.01
N ILE A 479 -4.23 4.75 25.37
CA ILE A 479 -5.08 3.61 25.09
C ILE A 479 -5.14 2.76 26.34
N TYR A 480 -6.29 2.83 27.03
CA TYR A 480 -6.43 2.16 28.30
C TYR A 480 -6.98 0.76 28.09
N VAL A 481 -6.38 -0.18 28.82
CA VAL A 481 -6.76 -1.59 28.78
C VAL A 481 -6.64 -2.16 30.20
N GLN A 482 -7.27 -3.30 30.43
CA GLN A 482 -7.24 -3.93 31.75
C GLN A 482 -5.81 -4.33 32.14
N ARG A 483 -5.39 -3.88 33.33
CA ARG A 483 -4.11 -4.28 33.97
C ARG A 483 -4.04 -5.80 34.11
#